data_7DA2
#
_entry.id   7DA2
#
_cell.length_a   71.249
_cell.length_b   78.469
_cell.length_c   87.468
_cell.angle_alpha   90.000
_cell.angle_beta   90.000
_cell.angle_gamma   90.000
#
_symmetry.space_group_name_H-M   'P 21 21 21'
#
loop_
_entity.id
_entity.type
_entity.pdbx_description
1 polymer 'Centromere protein S'
2 polymer 'Centromere protein X'
3 polymer 'Fanconi anemia group M protein'
4 water water
#
loop_
_entity_poly.entity_id
_entity_poly.type
_entity_poly.pdbx_seq_one_letter_code
_entity_poly.pdbx_strand_id
1 'polypeptide(L)'
;GSEAAGGEQRELLIQRLRAAVHYTTGALAQDVAEDKGVLFSKQTVAAISEITFRQAENFARDLEMFARHAKRSTITSEDV
KLLARRSNSLLKYITQKSDELASSNME
;
A,C
2 'polypeptide(L)'
;GYEEREGGFRKETVERLLRLHFRDGRTRVNGDALLLMAELLKVFVREAAARAARQAQAEDLEKVDIEHVEKVLPQLLLDF
V
;
B,D
3 'polypeptide(L)'
;GRSLHHKSALFSCVTDPKEMHCHENWSLSPEEFEIWDRLYRLKENDGVKEPILPHTRFETLENLDKTSKPEEEAAHKLSL
SEWSIWQSRPFPTSMVDHSDRCYHFISVMELIEVMRQEQGDCSYELELQPHLRIEDIHVRRNKGHLSP
;
E
#
# COMPACT_ATOMS: atom_id res chain seq x y z
N ALA A 5 -20.21 15.87 -4.06
CA ALA A 5 -19.07 15.24 -3.41
C ALA A 5 -17.88 16.19 -3.32
N GLY A 6 -17.36 16.36 -2.12
CA GLY A 6 -16.22 17.24 -1.90
C GLY A 6 -15.87 17.40 -0.44
N GLY A 7 -16.70 18.13 0.30
CA GLY A 7 -16.45 18.37 1.70
C GLY A 7 -17.70 18.42 2.56
N GLU A 8 -18.87 18.29 1.92
CA GLU A 8 -20.13 18.35 2.65
C GLU A 8 -21.20 17.58 1.87
N GLN A 9 -22.16 17.04 2.61
CA GLN A 9 -23.31 16.29 2.10
C GLN A 9 -22.93 15.37 0.94
N ARG A 10 -22.12 14.37 1.28
CA ARG A 10 -21.79 13.30 0.35
C ARG A 10 -21.74 11.94 1.05
N GLU A 11 -22.20 11.86 2.31
CA GLU A 11 -22.22 10.58 2.99
C GLU A 11 -23.27 9.64 2.43
N LEU A 12 -24.37 10.18 1.91
CA LEU A 12 -25.41 9.32 1.34
C LEU A 12 -24.91 8.59 0.10
N LEU A 13 -24.18 9.28 -0.76
CA LEU A 13 -23.60 8.64 -1.93
C LEU A 13 -22.58 7.58 -1.51
N ILE A 14 -21.84 7.86 -0.43
CA ILE A 14 -20.87 6.89 0.06
C ILE A 14 -21.57 5.64 0.58
N GLN A 15 -22.66 5.81 1.32
CA GLN A 15 -23.39 4.64 1.83
C GLN A 15 -23.99 3.82 0.69
N ARG A 16 -24.54 4.50 -0.33
CA ARG A 16 -25.12 3.77 -1.46
C ARG A 16 -24.04 3.00 -2.23
N LEU A 17 -22.89 3.62 -2.47
CA LEU A 17 -21.82 2.92 -3.17
C LEU A 17 -21.24 1.80 -2.30
N ARG A 18 -21.21 2.00 -0.98
CA ARG A 18 -20.75 0.97 -0.07
C ARG A 18 -21.66 -0.26 -0.16
N ALA A 19 -22.97 -0.02 -0.15
CA ALA A 19 -23.92 -1.12 -0.26
C ALA A 19 -23.82 -1.83 -1.61
N ALA A 20 -23.58 -1.07 -2.68
CA ALA A 20 -23.44 -1.70 -3.99
C ALA A 20 -22.18 -2.57 -4.05
N VAL A 21 -21.07 -2.07 -3.51
CA VAL A 21 -19.84 -2.85 -3.47
C VAL A 21 -20.03 -4.08 -2.60
N HIS A 22 -20.78 -3.94 -1.50
CA HIS A 22 -21.01 -5.07 -0.61
C HIS A 22 -21.82 -6.16 -1.31
N TYR A 23 -22.86 -5.77 -2.05
CA TYR A 23 -23.64 -6.75 -2.80
C TYR A 23 -22.80 -7.44 -3.86
N THR A 24 -21.98 -6.69 -4.59
CA THR A 24 -21.16 -7.31 -5.62
C THR A 24 -20.13 -8.25 -5.00
N THR A 25 -19.56 -7.85 -3.85
CA THR A 25 -18.60 -8.71 -3.16
C THR A 25 -19.26 -10.00 -2.70
N GLY A 26 -20.49 -9.93 -2.19
CA GLY A 26 -21.18 -11.14 -1.79
C GLY A 26 -21.50 -12.04 -2.97
N ALA A 27 -21.89 -11.44 -4.10
CA ALA A 27 -22.21 -12.23 -5.28
C ALA A 27 -20.97 -12.95 -5.81
N LEU A 28 -19.82 -12.27 -5.81
CA LEU A 28 -18.58 -12.93 -6.26
C LEU A 28 -18.10 -13.97 -5.26
N ALA A 29 -18.26 -13.67 -3.97
CA ALA A 29 -17.86 -14.62 -2.94
C ALA A 29 -18.69 -15.90 -2.98
N GLN A 30 -19.95 -15.81 -3.41
CA GLN A 30 -20.75 -17.03 -3.53
C GLN A 30 -20.22 -17.93 -4.63
N ASP A 31 -19.77 -17.35 -5.75
CA ASP A 31 -19.15 -18.15 -6.80
C ASP A 31 -17.83 -18.75 -6.35
N VAL A 32 -17.02 -17.97 -5.61
CA VAL A 32 -15.78 -18.51 -5.07
C VAL A 32 -16.09 -19.65 -4.11
N ALA A 33 -17.17 -19.52 -3.33
CA ALA A 33 -17.58 -20.55 -2.39
C ALA A 33 -18.00 -21.81 -3.13
N GLU A 34 -18.73 -21.66 -4.24
CA GLU A 34 -19.07 -22.82 -5.06
C GLU A 34 -17.81 -23.49 -5.61
N ASP A 35 -16.82 -22.69 -6.00
CA ASP A 35 -15.63 -23.28 -6.60
C ASP A 35 -14.75 -23.99 -5.58
N LYS A 36 -14.69 -23.50 -4.34
CA LYS A 36 -13.81 -24.07 -3.33
C LYS A 36 -14.53 -24.81 -2.22
N GLY A 37 -15.85 -24.86 -2.24
CA GLY A 37 -16.58 -25.63 -1.25
C GLY A 37 -16.54 -25.10 0.16
N VAL A 38 -16.40 -23.78 0.34
CA VAL A 38 -16.41 -23.15 1.65
C VAL A 38 -17.63 -22.25 1.74
N LEU A 39 -17.87 -21.74 2.94
CA LEU A 39 -18.92 -20.75 3.18
C LEU A 39 -18.31 -19.51 3.82
N PHE A 40 -18.71 -18.34 3.33
CA PHE A 40 -18.20 -17.07 3.82
C PHE A 40 -19.13 -16.49 4.89
N SER A 41 -18.53 -16.03 5.98
CA SER A 41 -19.26 -15.36 7.05
C SER A 41 -19.73 -13.98 6.61
N LYS A 42 -20.78 -13.49 7.27
CA LYS A 42 -21.26 -12.13 7.01
C LYS A 42 -20.13 -11.12 7.21
N GLN A 43 -19.46 -11.19 8.36
CA GLN A 43 -18.39 -10.25 8.66
C GLN A 43 -17.24 -10.37 7.66
N THR A 44 -16.97 -11.58 7.16
CA THR A 44 -15.93 -11.75 6.15
C THR A 44 -16.29 -11.01 4.87
N VAL A 45 -17.53 -11.13 4.42
CA VAL A 45 -17.94 -10.44 3.20
C VAL A 45 -17.94 -8.93 3.42
N ALA A 46 -18.32 -8.48 4.62
CA ALA A 46 -18.28 -7.05 4.90
C ALA A 46 -16.84 -6.53 4.91
N ALA A 47 -15.91 -7.34 5.41
CA ALA A 47 -14.51 -6.94 5.43
C ALA A 47 -13.94 -6.86 4.02
N ILE A 48 -14.24 -7.85 3.19
CA ILE A 48 -13.77 -7.80 1.81
C ILE A 48 -14.37 -6.62 1.07
N SER A 49 -15.64 -6.29 1.38
CA SER A 49 -16.26 -5.12 0.77
C SER A 49 -15.58 -3.83 1.19
N GLU A 50 -15.21 -3.72 2.46
CA GLU A 50 -14.50 -2.52 2.92
C GLU A 50 -13.14 -2.41 2.28
N ILE A 51 -12.43 -3.53 2.17
CA ILE A 51 -11.13 -3.53 1.51
C ILE A 51 -11.28 -3.09 0.06
N THR A 52 -12.32 -3.59 -0.61
CA THR A 52 -12.55 -3.24 -2.02
C THR A 52 -12.88 -1.76 -2.16
N PHE A 53 -13.67 -1.21 -1.25
CA PHE A 53 -14.03 0.20 -1.32
C PHE A 53 -12.80 1.09 -1.19
N ARG A 54 -11.93 0.79 -0.21
CA ARG A 54 -10.74 1.61 -0.06
C ARG A 54 -9.74 1.38 -1.20
N GLN A 55 -9.67 0.16 -1.73
CA GLN A 55 -8.81 -0.07 -2.88
C GLN A 55 -9.33 0.66 -4.10
N ALA A 56 -10.65 0.82 -4.21
CA ALA A 56 -11.22 1.61 -5.29
C ALA A 56 -10.85 3.07 -5.15
N GLU A 57 -10.80 3.57 -3.91
CA GLU A 57 -10.32 4.94 -3.70
C GLU A 57 -8.87 5.09 -4.15
N ASN A 58 -8.03 4.12 -3.77
CA ASN A 58 -6.63 4.15 -4.20
C ASN A 58 -6.52 4.12 -5.72
N PHE A 59 -7.30 3.25 -6.36
CA PHE A 59 -7.28 3.15 -7.81
C PHE A 59 -7.72 4.45 -8.48
N ALA A 60 -8.78 5.08 -7.96
CA ALA A 60 -9.25 6.33 -8.55
C ALA A 60 -8.17 7.42 -8.45
N ARG A 61 -7.52 7.51 -7.28
CA ARG A 61 -6.48 8.53 -7.14
C ARG A 61 -5.30 8.24 -8.06
N ASP A 62 -4.92 6.96 -8.19
CA ASP A 62 -3.81 6.59 -9.05
C ASP A 62 -4.13 6.90 -10.51
N LEU A 63 -5.32 6.53 -10.96
CA LEU A 63 -5.71 6.76 -12.35
C LEU A 63 -5.76 8.24 -12.67
N GLU A 64 -6.33 9.05 -11.76
CA GLU A 64 -6.40 10.48 -12.03
C GLU A 64 -5.02 11.10 -12.10
N MET A 65 -4.12 10.73 -11.17
CA MET A 65 -2.79 11.31 -11.21
C MET A 65 -1.99 10.82 -12.41
N PHE A 66 -2.21 9.60 -12.86
CA PHE A 66 -1.53 9.10 -14.05
C PHE A 66 -2.02 9.81 -15.30
N ALA A 67 -3.32 10.05 -15.40
CA ALA A 67 -3.86 10.77 -16.54
C ALA A 67 -3.37 12.21 -16.56
N ARG A 68 -3.41 12.89 -15.42
CA ARG A 68 -2.92 14.26 -15.34
C ARG A 68 -1.42 14.34 -15.60
N HIS A 69 -0.68 13.26 -15.28
CA HIS A 69 0.76 13.27 -15.49
C HIS A 69 1.12 13.29 -16.98
N ALA A 70 0.28 12.70 -17.83
CA ALA A 70 0.50 12.67 -19.27
C ALA A 70 -0.23 13.80 -20.00
N LYS A 71 -0.55 14.88 -19.28
CA LYS A 71 -1.22 16.06 -19.86
C LYS A 71 -2.56 15.69 -20.49
N ARG A 72 -3.32 14.84 -19.80
CA ARG A 72 -4.62 14.38 -20.26
C ARG A 72 -5.64 14.52 -19.14
N SER A 73 -6.88 14.81 -19.52
CA SER A 73 -8.00 14.85 -18.59
C SER A 73 -8.86 13.60 -18.65
N THR A 74 -8.67 12.75 -19.66
CA THR A 74 -9.44 11.52 -19.82
C THR A 74 -8.56 10.34 -19.46
N ILE A 75 -9.05 9.49 -18.55
CA ILE A 75 -8.31 8.30 -18.16
C ILE A 75 -8.50 7.24 -19.24
N THR A 76 -7.38 6.74 -19.76
CA THR A 76 -7.39 5.83 -20.90
C THR A 76 -6.85 4.47 -20.50
N SER A 77 -6.54 3.65 -21.52
CA SER A 77 -6.04 2.31 -21.27
C SER A 77 -4.60 2.36 -20.77
N GLU A 78 -3.85 3.40 -21.13
CA GLU A 78 -2.48 3.51 -20.64
C GLU A 78 -2.43 3.76 -19.15
N ASP A 79 -3.42 4.45 -18.59
CA ASP A 79 -3.46 4.65 -17.14
C ASP A 79 -3.75 3.35 -16.41
N VAL A 80 -4.64 2.52 -16.96
CA VAL A 80 -4.94 1.23 -16.35
C VAL A 80 -3.73 0.31 -16.45
N LYS A 81 -3.03 0.33 -17.59
CA LYS A 81 -1.81 -0.46 -17.71
C LYS A 81 -0.74 0.00 -16.73
N LEU A 82 -0.60 1.32 -16.55
CA LEU A 82 0.37 1.80 -15.57
C LEU A 82 -0.06 1.45 -14.15
N LEU A 83 -1.37 1.30 -13.92
CA LEU A 83 -1.83 0.87 -12.61
C LEU A 83 -1.50 -0.60 -12.36
N ALA A 84 -1.63 -1.44 -13.40
CA ALA A 84 -1.38 -2.87 -13.25
C ALA A 84 0.04 -3.27 -13.67
N ARG A 85 0.94 -2.29 -13.83
CA ARG A 85 2.30 -2.57 -14.29
C ARG A 85 3.11 -3.42 -13.34
N ARG A 86 2.64 -3.63 -12.11
CA ARG A 86 3.50 -4.14 -11.05
C ARG A 86 3.56 -5.67 -11.01
N SER A 87 2.43 -6.33 -11.21
CA SER A 87 2.37 -7.78 -11.18
C SER A 87 2.34 -8.36 -12.59
N ASN A 88 3.10 -9.43 -12.79
CA ASN A 88 3.16 -10.05 -14.13
C ASN A 88 1.78 -10.55 -14.54
N SER A 89 1.09 -11.25 -13.64
CA SER A 89 -0.22 -11.78 -13.96
C SER A 89 -1.24 -10.66 -14.16
N LEU A 90 -1.17 -9.61 -13.33
CA LEU A 90 -2.12 -8.50 -13.47
C LEU A 90 -1.80 -7.63 -14.68
N LEU A 91 -0.52 -7.49 -15.04
CA LEU A 91 -0.17 -6.64 -16.19
C LEU A 91 -0.49 -7.32 -17.51
N LYS A 92 -0.12 -8.60 -17.66
CA LYS A 92 -0.34 -9.29 -18.93
C LYS A 92 -1.83 -9.57 -19.16
N TYR A 93 -2.60 -9.82 -18.11
CA TYR A 93 -4.05 -9.93 -18.27
C TYR A 93 -4.64 -8.64 -18.81
N ILE A 94 -4.18 -7.49 -18.30
CA ILE A 94 -4.66 -6.23 -18.83
C ILE A 94 -4.33 -6.13 -20.32
N THR A 95 -3.06 -6.39 -20.67
CA THR A 95 -2.68 -6.46 -22.07
C THR A 95 -3.51 -7.49 -22.83
N GLN A 96 -3.95 -8.55 -22.15
CA GLN A 96 -4.82 -9.53 -22.79
C GLN A 96 -6.22 -8.98 -22.99
N LYS A 97 -6.70 -8.12 -22.09
CA LYS A 97 -8.06 -7.63 -22.15
C LYS A 97 -8.18 -6.15 -22.53
N SER A 98 -7.17 -5.34 -22.30
CA SER A 98 -7.23 -3.94 -22.71
C SER A 98 -7.17 -3.81 -24.23
N ASP A 99 -6.29 -4.57 -24.86
CA ASP A 99 -6.26 -4.60 -26.33
C ASP A 99 -7.55 -5.21 -26.86
N GLU A 100 -7.98 -6.32 -26.29
CA GLU A 100 -9.27 -6.93 -26.64
C GLU A 100 -10.42 -6.11 -26.04
N ARG B 10 27.52 -5.17 -9.32
CA ARG B 10 28.24 -6.22 -8.60
C ARG B 10 27.91 -6.16 -7.11
N GLU B 11 28.20 -7.25 -6.40
CA GLU B 11 27.86 -7.34 -4.98
C GLU B 11 28.62 -6.31 -4.15
N LEU B 12 29.84 -5.95 -4.56
CA LEU B 12 30.60 -4.97 -3.80
C LEU B 12 29.92 -3.61 -3.81
N LEU B 13 29.39 -3.20 -4.96
CA LEU B 13 28.66 -1.94 -5.05
C LEU B 13 27.41 -1.96 -4.18
N ILE B 14 26.73 -3.11 -4.10
CA ILE B 14 25.52 -3.20 -3.28
C ILE B 14 25.88 -3.05 -1.81
N GLN B 15 26.93 -3.74 -1.36
CA GLN B 15 27.34 -3.64 0.03
C GLN B 15 27.80 -2.23 0.37
N ARG B 16 28.45 -1.56 -0.57
CA ARG B 16 28.87 -0.18 -0.34
C ARG B 16 27.67 0.74 -0.13
N LEU B 17 26.61 0.54 -0.94
CA LEU B 17 25.40 1.35 -0.77
C LEU B 17 24.62 0.95 0.48
N ARG B 18 24.61 -0.34 0.84
CA ARG B 18 23.94 -0.74 2.08
C ARG B 18 24.60 -0.13 3.30
N ALA B 19 25.94 -0.13 3.35
CA ALA B 19 26.62 0.45 4.49
C ALA B 19 26.30 1.93 4.63
N ALA B 20 26.18 2.63 3.49
CA ALA B 20 25.82 4.05 3.55
C ALA B 20 24.39 4.23 4.06
N VAL B 21 23.46 3.39 3.59
CA VAL B 21 22.10 3.47 4.06
C VAL B 21 22.01 3.11 5.54
N HIS B 22 22.82 2.14 5.97
CA HIS B 22 22.81 1.73 7.38
C HIS B 22 23.31 2.84 8.29
N TYR B 23 24.41 3.50 7.92
CA TYR B 23 24.92 4.58 8.74
C TYR B 23 23.95 5.75 8.77
N THR B 24 23.38 6.10 7.61
CA THR B 24 22.43 7.20 7.54
C THR B 24 21.16 6.88 8.31
N THR B 25 20.70 5.62 8.25
CA THR B 25 19.53 5.23 9.02
C THR B 25 19.79 5.36 10.52
N GLY B 26 20.99 4.99 10.96
CA GLY B 26 21.33 5.13 12.37
C GLY B 26 21.40 6.58 12.81
N ALA B 27 21.92 7.46 11.95
CA ALA B 27 21.99 8.86 12.31
C ALA B 27 20.60 9.48 12.41
N LEU B 28 19.70 9.13 11.49
CA LEU B 28 18.33 9.66 11.55
C LEU B 28 17.56 9.07 12.73
N ALA B 29 17.78 7.79 13.02
CA ALA B 29 17.13 7.19 14.18
C ALA B 29 17.62 7.82 15.48
N GLN B 30 18.87 8.31 15.48
CA GLN B 30 19.38 8.99 16.67
C GLN B 30 18.66 10.31 16.91
N ASP B 31 18.29 11.02 15.83
CA ASP B 31 17.53 12.24 16.00
C ASP B 31 16.13 11.96 16.53
N VAL B 32 15.47 10.92 16.02
CA VAL B 32 14.17 10.53 16.54
C VAL B 32 14.28 10.01 17.97
N ALA B 33 15.38 9.32 18.27
CA ALA B 33 15.56 8.77 19.62
C ALA B 33 15.67 9.88 20.66
N GLU B 34 16.43 10.94 20.35
CA GLU B 34 16.58 12.05 21.28
C GLU B 34 15.37 12.97 21.32
N ASP B 35 14.45 12.86 20.36
CA ASP B 35 13.21 13.62 20.41
C ASP B 35 12.20 12.99 21.36
N LYS B 36 12.20 11.66 21.47
CA LYS B 36 11.24 10.95 22.28
C LYS B 36 11.86 10.33 23.53
N GLY B 37 13.17 10.51 23.73
CA GLY B 37 13.79 9.97 24.93
C GLY B 37 13.84 8.47 24.97
N VAL B 38 13.91 7.82 23.81
CA VAL B 38 13.94 6.37 23.72
C VAL B 38 15.31 5.93 23.20
N LEU B 39 15.53 4.63 23.24
CA LEU B 39 16.74 4.00 22.73
C LEU B 39 16.38 3.00 21.65
N PHE B 40 17.08 3.06 20.52
CA PHE B 40 16.85 2.14 19.42
C PHE B 40 17.83 0.98 19.52
N SER B 41 17.33 -0.24 19.38
CA SER B 41 18.22 -1.39 19.38
C SER B 41 18.99 -1.47 18.08
N LYS B 42 20.17 -2.09 18.13
CA LYS B 42 20.92 -2.34 16.91
C LYS B 42 20.12 -3.22 15.95
N GLN B 43 19.30 -4.13 16.49
CA GLN B 43 18.43 -4.92 15.64
C GLN B 43 17.38 -4.06 14.97
N THR B 44 16.90 -3.02 15.65
CA THR B 44 15.86 -2.17 15.09
C THR B 44 16.40 -1.32 13.94
N VAL B 45 17.57 -0.72 14.12
CA VAL B 45 18.14 0.10 13.07
C VAL B 45 18.56 -0.75 11.87
N ALA B 46 19.03 -1.97 12.12
CA ALA B 46 19.39 -2.85 11.02
C ALA B 46 18.16 -3.24 10.20
N ALA B 47 17.04 -3.45 10.88
CA ALA B 47 15.80 -3.78 10.17
C ALA B 47 15.29 -2.59 9.37
N ILE B 48 15.28 -1.40 9.99
CA ILE B 48 14.82 -0.20 9.29
C ILE B 48 15.73 0.14 8.12
N SER B 49 17.03 -0.09 8.28
CA SER B 49 17.97 0.16 7.19
C SER B 49 17.68 -0.75 6.00
N GLU B 50 17.35 -2.01 6.27
CA GLU B 50 17.03 -2.93 5.18
C GLU B 50 15.75 -2.53 4.47
N ILE B 51 14.76 -2.06 5.24
CA ILE B 51 13.51 -1.56 4.64
C ILE B 51 13.80 -0.36 3.74
N THR B 52 14.66 0.55 4.20
CA THR B 52 14.99 1.73 3.40
C THR B 52 15.71 1.35 2.12
N PHE B 53 16.63 0.40 2.19
CA PHE B 53 17.33 -0.05 1.00
C PHE B 53 16.37 -0.65 -0.02
N ARG B 54 15.44 -1.49 0.45
CA ARG B 54 14.48 -2.11 -0.45
C ARG B 54 13.47 -1.09 -0.97
N GLN B 55 13.13 -0.10 -0.15
CA GLN B 55 12.23 0.96 -0.61
C GLN B 55 12.86 1.81 -1.71
N ALA B 56 14.18 1.92 -1.72
CA ALA B 56 14.84 2.66 -2.80
C ALA B 56 14.65 1.96 -4.14
N GLU B 57 14.64 0.63 -4.14
CA GLU B 57 14.35 -0.10 -5.37
C GLU B 57 12.93 0.16 -5.85
N ASN B 58 11.96 0.15 -4.92
CA ASN B 58 10.58 0.43 -5.29
C ASN B 58 10.45 1.83 -5.89
N PHE B 59 11.05 2.83 -5.24
CA PHE B 59 10.99 4.19 -5.75
C PHE B 59 11.65 4.30 -7.11
N ALA B 60 12.83 3.68 -7.27
CA ALA B 60 13.55 3.77 -8.54
C ALA B 60 12.75 3.13 -9.68
N ARG B 61 12.15 1.98 -9.40
CA ARG B 61 11.40 1.27 -10.45
C ARG B 61 10.16 2.05 -10.86
N ASP B 62 9.45 2.64 -9.90
CA ASP B 62 8.26 3.43 -10.23
C ASP B 62 8.63 4.70 -10.99
N LEU B 63 9.68 5.39 -10.55
CA LEU B 63 10.07 6.64 -11.22
C LEU B 63 10.42 6.41 -12.68
N GLU B 64 11.12 5.31 -12.97
CA GLU B 64 11.48 5.02 -14.35
C GLU B 64 10.23 4.77 -15.20
N MET B 65 9.28 4.02 -14.66
CA MET B 65 8.05 3.74 -15.41
C MET B 65 7.18 4.99 -15.49
N PHE B 66 7.21 5.85 -14.47
CA PHE B 66 6.45 7.10 -14.52
C PHE B 66 7.02 8.04 -15.57
N ALA B 67 8.34 8.09 -15.70
CA ALA B 67 8.95 8.93 -16.72
C ALA B 67 8.58 8.46 -18.12
N ARG B 68 8.59 7.15 -18.35
CA ARG B 68 8.22 6.62 -19.67
C ARG B 68 6.74 6.84 -19.95
N HIS B 69 5.93 6.97 -18.89
CA HIS B 69 4.50 7.24 -19.08
C HIS B 69 4.28 8.64 -19.64
N ALA B 70 5.13 9.59 -19.27
CA ALA B 70 5.06 10.95 -19.79
C ALA B 70 5.98 11.18 -20.97
N LYS B 71 6.38 10.11 -21.67
CA LYS B 71 7.21 10.21 -22.86
C LYS B 71 8.55 10.89 -22.57
N ARG B 72 9.15 10.56 -21.43
CA ARG B 72 10.43 11.12 -21.04
C ARG B 72 11.39 10.02 -20.61
N SER B 73 12.68 10.24 -20.85
CA SER B 73 13.73 9.37 -20.36
C SER B 73 14.42 9.93 -19.12
N THR B 74 14.18 11.20 -18.78
CA THR B 74 14.77 11.85 -17.62
C THR B 74 13.72 12.00 -16.53
N ILE B 75 14.06 11.52 -15.34
CA ILE B 75 13.17 11.60 -14.18
C ILE B 75 13.27 13.00 -13.58
N THR B 76 12.12 13.66 -13.43
CA THR B 76 12.06 15.02 -12.94
C THR B 76 11.34 15.07 -11.60
N SER B 77 11.01 16.29 -11.15
CA SER B 77 10.38 16.45 -9.84
C SER B 77 8.91 16.05 -9.86
N GLU B 78 8.24 16.15 -11.01
CA GLU B 78 6.84 15.75 -11.07
C GLU B 78 6.67 14.25 -10.88
N ASP B 79 7.69 13.46 -11.29
CA ASP B 79 7.63 12.02 -11.05
C ASP B 79 7.74 11.72 -9.56
N VAL B 80 8.56 12.48 -8.84
CA VAL B 80 8.67 12.29 -7.39
C VAL B 80 7.35 12.64 -6.71
N LYS B 81 6.68 13.68 -7.20
CA LYS B 81 5.35 14.03 -6.69
C LYS B 81 4.37 12.90 -6.93
N LEU B 82 4.46 12.23 -8.08
CA LEU B 82 3.56 11.14 -8.41
C LEU B 82 3.72 9.95 -7.47
N LEU B 83 4.85 9.85 -6.77
CA LEU B 83 5.02 8.77 -5.80
C LEU B 83 4.07 8.92 -4.61
N ALA B 84 3.76 10.16 -4.23
CA ALA B 84 2.91 10.44 -3.08
C ALA B 84 1.44 10.61 -3.46
N ARG B 85 1.03 10.11 -4.63
CA ARG B 85 -0.30 10.35 -5.15
C ARG B 85 -1.42 9.77 -4.27
N ARG B 86 -1.11 8.85 -3.35
CA ARG B 86 -2.17 8.21 -2.60
C ARG B 86 -2.52 8.93 -1.31
N SER B 87 -1.54 9.45 -0.57
CA SER B 87 -1.82 10.17 0.66
C SER B 87 -1.79 11.66 0.39
N ASN B 88 -2.80 12.37 0.89
CA ASN B 88 -2.84 13.83 0.76
C ASN B 88 -1.74 14.49 1.57
N SER B 89 -1.51 14.02 2.80
CA SER B 89 -0.49 14.62 3.65
C SER B 89 0.89 14.47 3.05
N LEU B 90 1.18 13.31 2.45
CA LEU B 90 2.45 13.12 1.77
C LEU B 90 2.49 13.90 0.46
N LEU B 91 1.33 14.09 -0.18
CA LEU B 91 1.27 14.83 -1.43
C LEU B 91 1.49 16.32 -1.21
N LYS B 92 0.89 16.89 -0.16
CA LYS B 92 1.10 18.32 0.09
C LYS B 92 2.53 18.57 0.50
N TYR B 93 3.10 17.68 1.31
CA TYR B 93 4.54 17.69 1.52
C TYR B 93 5.24 17.37 0.21
N ILE B 94 6.55 17.58 0.16
CA ILE B 94 7.35 17.31 -1.05
C ILE B 94 6.96 18.29 -2.15
N THR B 95 5.66 18.39 -2.44
CA THR B 95 5.19 19.40 -3.39
C THR B 95 5.57 20.80 -2.91
N GLN B 96 5.37 21.06 -1.61
CA GLN B 96 5.84 22.32 -1.04
C GLN B 96 7.35 22.37 -0.98
N LYS B 97 8.01 21.21 -0.83
CA LYS B 97 9.47 21.19 -0.88
C LYS B 97 9.98 21.27 -2.31
N SER B 98 9.18 20.83 -3.28
CA SER B 98 9.57 20.97 -4.68
C SER B 98 9.43 22.41 -5.14
N ASP B 99 8.35 23.09 -4.72
CA ASP B 99 8.17 24.49 -5.08
C ASP B 99 9.26 25.37 -4.48
N GLU B 100 9.77 25.02 -3.31
CA GLU B 100 10.76 25.86 -2.64
C GLU B 100 12.18 25.59 -3.10
N LEU B 101 12.39 24.66 -4.03
CA LEU B 101 13.72 24.45 -4.59
C LEU B 101 13.75 24.87 -6.06
N GLY C 7 -21.70 -11.60 -14.45
CA GLY C 7 -20.56 -10.71 -14.32
C GLY C 7 -20.37 -10.17 -12.91
N GLY C 8 -19.75 -9.00 -12.82
CA GLY C 8 -19.49 -8.38 -11.53
C GLY C 8 -20.05 -6.97 -11.42
N PHE C 9 -19.16 -5.99 -11.26
CA PHE C 9 -19.59 -4.61 -11.16
C PHE C 9 -20.11 -4.10 -12.50
N ARG C 10 -21.14 -3.27 -12.44
CA ARG C 10 -21.62 -2.60 -13.63
C ARG C 10 -20.75 -1.38 -13.93
N LYS C 11 -20.75 -0.97 -15.20
CA LYS C 11 -19.91 0.14 -15.63
C LYS C 11 -20.29 1.43 -14.91
N GLU C 12 -21.59 1.64 -14.68
CA GLU C 12 -22.04 2.87 -14.04
C GLU C 12 -21.59 2.93 -12.59
N THR C 13 -21.58 1.78 -11.90
CA THR C 13 -21.14 1.76 -10.52
C THR C 13 -19.66 2.10 -10.41
N VAL C 14 -18.85 1.61 -11.35
CA VAL C 14 -17.43 1.92 -11.36
C VAL C 14 -17.19 3.40 -11.61
N GLU C 15 -17.93 3.99 -12.55
CA GLU C 15 -17.74 5.41 -12.83
C GLU C 15 -18.17 6.27 -11.64
N ARG C 16 -19.27 5.90 -10.98
CA ARG C 16 -19.70 6.63 -9.79
C ARG C 16 -18.66 6.52 -8.69
N LEU C 17 -18.12 5.31 -8.50
CA LEU C 17 -17.15 5.07 -7.44
C LEU C 17 -15.85 5.83 -7.70
N LEU C 18 -15.42 5.90 -8.97
CA LEU C 18 -14.18 6.61 -9.28
C LEU C 18 -14.37 8.13 -9.19
N ARG C 19 -15.50 8.64 -9.67
CA ARG C 19 -15.74 10.08 -9.57
C ARG C 19 -15.99 10.52 -8.14
N LEU C 20 -16.37 9.60 -7.25
CA LEU C 20 -16.45 9.95 -5.84
C LEU C 20 -15.10 10.37 -5.28
N HIS C 21 -14.01 9.79 -5.77
CA HIS C 21 -12.68 10.05 -5.24
C HIS C 21 -11.80 10.87 -6.18
N PHE C 22 -12.31 11.23 -7.36
CA PHE C 22 -11.55 12.12 -8.23
C PHE C 22 -11.36 13.48 -7.56
N ARG C 23 -10.12 13.99 -7.61
CA ARG C 23 -9.81 15.27 -6.99
C ARG C 23 -10.27 16.45 -7.84
N ASP C 24 -10.46 16.24 -9.14
CA ASP C 24 -10.83 17.30 -10.08
C ASP C 24 -12.13 16.94 -10.79
N GLY C 25 -12.88 17.98 -11.15
CA GLY C 25 -14.16 17.75 -11.80
C GLY C 25 -14.07 17.52 -13.30
N ARG C 26 -13.00 18.02 -13.92
CA ARG C 26 -12.82 17.85 -15.36
C ARG C 26 -12.35 16.46 -15.74
N THR C 27 -11.99 15.63 -14.76
CA THR C 27 -11.47 14.30 -15.03
C THR C 27 -12.57 13.38 -15.55
N ARG C 28 -12.26 12.67 -16.62
CA ARG C 28 -13.17 11.73 -17.25
C ARG C 28 -12.47 10.41 -17.52
N VAL C 29 -13.29 9.38 -17.73
CA VAL C 29 -12.80 8.02 -17.95
C VAL C 29 -13.34 7.53 -19.28
N ASN C 30 -12.48 6.91 -20.09
CA ASN C 30 -12.93 6.32 -21.33
C ASN C 30 -13.69 5.03 -21.04
N GLY C 31 -14.49 4.60 -22.01
CA GLY C 31 -15.28 3.38 -21.82
C GLY C 31 -14.41 2.15 -21.66
N ASP C 32 -13.33 2.06 -22.43
CA ASP C 32 -12.44 0.91 -22.32
C ASP C 32 -11.76 0.86 -20.97
N ALA C 33 -11.31 2.01 -20.47
CA ALA C 33 -10.70 2.05 -19.14
C ALA C 33 -11.73 1.76 -18.05
N LEU C 34 -12.98 2.18 -18.25
CA LEU C 34 -14.03 1.90 -17.28
C LEU C 34 -14.32 0.42 -17.21
N LEU C 35 -14.39 -0.25 -18.37
CA LEU C 35 -14.58 -1.69 -18.38
C LEU C 35 -13.36 -2.42 -17.83
N LEU C 36 -12.17 -1.87 -18.03
CA LEU C 36 -10.97 -2.48 -17.46
C LEU C 36 -10.97 -2.39 -15.95
N MET C 37 -11.46 -1.28 -15.39
CA MET C 37 -11.50 -1.15 -13.94
C MET C 37 -12.57 -2.03 -13.31
N ALA C 38 -13.68 -2.26 -14.02
CA ALA C 38 -14.69 -3.18 -13.51
C ALA C 38 -14.15 -4.60 -13.43
N GLU C 39 -13.33 -5.00 -14.41
CA GLU C 39 -12.68 -6.31 -14.35
C GLU C 39 -11.60 -6.33 -13.27
N LEU C 40 -10.86 -5.23 -13.12
CA LEU C 40 -9.80 -5.18 -12.13
C LEU C 40 -10.35 -5.27 -10.71
N LEU C 41 -11.48 -4.62 -10.45
CA LEU C 41 -12.11 -4.73 -9.13
C LEU C 41 -12.64 -6.14 -8.90
N LYS C 42 -13.22 -6.77 -9.93
CA LYS C 42 -13.69 -8.14 -9.78
C LYS C 42 -12.54 -9.09 -9.51
N VAL C 43 -11.39 -8.85 -10.15
CA VAL C 43 -10.21 -9.67 -9.88
C VAL C 43 -9.74 -9.49 -8.43
N PHE C 44 -9.83 -8.26 -7.91
CA PHE C 44 -9.41 -8.00 -6.55
C PHE C 44 -10.30 -8.72 -5.54
N VAL C 45 -11.61 -8.68 -5.75
CA VAL C 45 -12.55 -9.32 -4.84
C VAL C 45 -12.34 -10.84 -4.85
N ARG C 46 -12.23 -11.41 -6.05
CA ARG C 46 -12.01 -12.85 -6.16
C ARG C 46 -10.67 -13.25 -5.55
N GLU C 47 -9.64 -12.41 -5.70
CA GLU C 47 -8.35 -12.73 -5.10
C GLU C 47 -8.44 -12.74 -3.59
N ALA C 48 -9.08 -11.72 -3.00
CA ALA C 48 -9.21 -11.68 -1.54
C ALA C 48 -10.01 -12.87 -1.02
N ALA C 49 -11.13 -13.17 -1.69
CA ALA C 49 -11.99 -14.26 -1.24
C ALA C 49 -11.31 -15.61 -1.39
N ALA C 50 -10.58 -15.80 -2.50
CA ALA C 50 -9.92 -17.09 -2.73
C ALA C 50 -8.77 -17.29 -1.75
N ARG C 51 -8.01 -16.22 -1.46
CA ARG C 51 -6.91 -16.36 -0.51
C ARG C 51 -7.44 -16.65 0.88
N ALA C 52 -8.51 -15.97 1.30
CA ALA C 52 -9.07 -16.23 2.62
C ALA C 52 -9.67 -17.63 2.69
N ALA C 53 -10.30 -18.08 1.60
CA ALA C 53 -10.88 -19.42 1.58
C ALA C 53 -9.81 -20.50 1.63
N ARG C 54 -8.70 -20.30 0.90
CA ARG C 54 -7.65 -21.30 0.97
C ARG C 54 -6.96 -21.29 2.33
N GLN C 55 -6.91 -20.14 3.00
CA GLN C 55 -6.39 -20.13 4.36
C GLN C 55 -7.30 -20.91 5.30
N ALA C 56 -8.62 -20.76 5.14
CA ALA C 56 -9.55 -21.57 5.93
C ALA C 56 -9.36 -23.05 5.61
N GLN C 57 -9.11 -23.38 4.35
CA GLN C 57 -8.86 -24.77 3.99
C GLN C 57 -7.56 -25.30 4.59
N ALA C 58 -6.52 -24.46 4.61
CA ALA C 58 -5.25 -24.86 5.21
C ALA C 58 -5.39 -25.07 6.71
N GLU C 59 -6.30 -24.36 7.35
CA GLU C 59 -6.58 -24.62 8.76
C GLU C 59 -7.69 -25.65 8.94
N ASP C 60 -8.19 -26.20 7.84
CA ASP C 60 -9.23 -27.25 7.86
C ASP C 60 -10.52 -26.72 8.48
N LEU C 61 -10.96 -25.56 7.99
CA LEU C 61 -12.17 -24.89 8.43
C LEU C 61 -13.04 -24.66 7.21
N GLU C 62 -14.29 -25.13 7.26
CA GLU C 62 -15.21 -24.97 6.15
C GLU C 62 -15.91 -23.62 6.13
N LYS C 63 -15.63 -22.76 7.11
CA LYS C 63 -16.23 -21.42 7.20
C LYS C 63 -15.11 -20.39 7.23
N VAL C 64 -15.15 -19.43 6.32
CA VAL C 64 -14.14 -18.39 6.25
C VAL C 64 -14.54 -17.27 7.20
N ASP C 65 -13.71 -17.01 8.21
CA ASP C 65 -13.97 -15.99 9.20
C ASP C 65 -13.07 -14.78 8.98
N ILE C 66 -13.12 -13.84 9.93
CA ILE C 66 -12.41 -12.57 9.79
C ILE C 66 -10.91 -12.77 9.95
N GLU C 67 -10.49 -13.78 10.72
CA GLU C 67 -9.06 -13.99 10.94
C GLU C 67 -8.37 -14.43 9.66
N HIS C 68 -9.07 -15.17 8.79
CA HIS C 68 -8.45 -15.59 7.54
C HIS C 68 -8.27 -14.42 6.58
N VAL C 69 -9.17 -13.44 6.64
CA VAL C 69 -8.97 -12.22 5.86
C VAL C 69 -7.81 -11.42 6.42
N GLU C 70 -7.73 -11.33 7.76
CA GLU C 70 -6.64 -10.58 8.38
C GLU C 70 -5.29 -11.21 8.10
N LYS C 71 -5.22 -12.54 7.97
CA LYS C 71 -3.94 -13.20 7.74
C LYS C 71 -3.39 -12.88 6.35
N VAL C 72 -4.22 -13.05 5.32
CA VAL C 72 -3.79 -12.82 3.94
C VAL C 72 -3.73 -11.34 3.59
N LEU C 73 -4.35 -10.47 4.40
CA LEU C 73 -4.52 -9.07 4.03
C LEU C 73 -3.21 -8.34 3.76
N PRO C 74 -2.18 -8.43 4.60
CA PRO C 74 -0.96 -7.62 4.32
C PRO C 74 -0.34 -7.93 2.97
N GLN C 75 -0.14 -9.22 2.67
CA GLN C 75 0.42 -9.59 1.37
C GLN C 75 -0.55 -9.29 0.24
N LEU C 76 -1.85 -9.38 0.50
CA LEU C 76 -2.85 -9.09 -0.53
C LEU C 76 -2.78 -7.62 -0.96
N LEU C 77 -2.77 -6.70 0.01
CA LEU C 77 -2.72 -5.29 -0.33
C LEU C 77 -1.41 -4.93 -1.02
N LEU C 78 -0.32 -5.62 -0.69
CA LEU C 78 0.97 -5.29 -1.26
C LEU C 78 1.10 -5.75 -2.71
N ASP C 79 0.21 -6.62 -3.18
CA ASP C 79 0.25 -7.03 -4.56
C ASP C 79 -0.55 -6.11 -5.47
N PHE C 80 -1.48 -5.35 -4.91
CA PHE C 80 -2.35 -4.46 -5.67
C PHE C 80 -1.98 -2.99 -5.51
N VAL C 81 -0.93 -2.66 -4.77
CA VAL C 81 -0.52 -1.27 -4.58
C VAL C 81 -0.26 -0.60 -5.92
N GLY D 8 20.98 14.41 6.06
CA GLY D 8 20.68 13.00 5.94
C GLY D 8 21.41 12.32 4.80
N PHE D 9 20.64 11.82 3.83
CA PHE D 9 21.23 11.17 2.66
C PHE D 9 21.90 12.20 1.77
N ARG D 10 23.07 11.84 1.24
CA ARG D 10 23.76 12.70 0.28
C ARG D 10 23.17 12.49 -1.11
N LYS D 11 23.20 13.57 -1.91
CA LYS D 11 22.60 13.54 -3.24
C LYS D 11 23.23 12.48 -4.12
N GLU D 12 24.55 12.30 -4.02
CA GLU D 12 25.25 11.42 -4.95
C GLU D 12 24.94 9.96 -4.67
N THR D 13 24.81 9.59 -3.39
CA THR D 13 24.49 8.20 -3.05
C THR D 13 23.09 7.84 -3.49
N VAL D 14 22.14 8.79 -3.39
CA VAL D 14 20.79 8.52 -3.87
C VAL D 14 20.80 8.27 -5.36
N GLU D 15 21.65 9.00 -6.09
CA GLU D 15 21.78 8.76 -7.53
C GLU D 15 22.36 7.37 -7.81
N ARG D 16 23.24 6.89 -6.92
CA ARG D 16 23.75 5.52 -7.07
C ARG D 16 22.69 4.49 -6.71
N LEU D 17 21.89 4.77 -5.69
CA LEU D 17 20.84 3.83 -5.29
C LEU D 17 19.78 3.68 -6.37
N LEU D 18 19.43 4.79 -7.03
CA LEU D 18 18.41 4.73 -8.08
C LEU D 18 18.96 4.06 -9.34
N ARG D 19 20.16 4.44 -9.75
CA ARG D 19 20.76 3.87 -10.95
C ARG D 19 20.99 2.36 -10.79
N LEU D 20 21.16 1.90 -9.55
CA LEU D 20 21.40 0.48 -9.30
C LEU D 20 20.21 -0.37 -9.73
N HIS D 21 19.00 0.17 -9.63
CA HIS D 21 17.78 -0.60 -9.91
C HIS D 21 17.09 -0.23 -11.21
N PHE D 22 17.63 0.72 -11.96
CA PHE D 22 17.07 1.06 -13.26
C PHE D 22 17.21 -0.11 -14.22
N ARG D 23 16.12 -0.48 -14.90
CA ARG D 23 16.17 -1.57 -15.87
C ARG D 23 16.72 -1.14 -17.22
N ASP D 24 16.73 0.16 -17.51
CA ASP D 24 17.19 0.66 -18.81
C ASP D 24 18.35 1.62 -18.59
N GLY D 25 19.25 1.66 -19.58
CA GLY D 25 20.44 2.49 -19.46
C GLY D 25 20.23 3.95 -19.80
N ARG D 26 19.22 4.27 -20.61
CA ARG D 26 18.96 5.65 -20.98
C ARG D 26 18.30 6.46 -19.87
N THR D 27 17.85 5.82 -18.80
CA THR D 27 17.17 6.54 -17.73
C THR D 27 18.15 7.42 -16.96
N ARG D 28 17.81 8.69 -16.77
CA ARG D 28 18.63 9.58 -15.98
C ARG D 28 17.72 10.34 -15.01
N VAL D 29 18.32 10.95 -13.99
CA VAL D 29 17.60 11.68 -12.96
C VAL D 29 18.11 13.11 -12.92
N ASN D 30 17.17 14.06 -12.86
CA ASN D 30 17.50 15.47 -12.73
C ASN D 30 17.94 15.79 -11.31
N GLY D 31 18.65 16.91 -11.18
CA GLY D 31 19.14 17.32 -9.87
C GLY D 31 18.03 17.61 -8.88
N ASP D 32 16.94 18.23 -9.36
CA ASP D 32 15.82 18.52 -8.48
C ASP D 32 15.16 17.24 -7.96
N ALA D 33 15.01 16.25 -8.83
CA ALA D 33 14.43 14.98 -8.39
C ALA D 33 15.35 14.25 -7.42
N LEU D 34 16.67 14.40 -7.56
CA LEU D 34 17.59 13.78 -6.62
C LEU D 34 17.49 14.41 -5.24
N LEU D 35 17.39 15.74 -5.19
CA LEU D 35 17.23 16.40 -3.89
C LEU D 35 15.87 16.09 -3.27
N LEU D 36 14.83 15.94 -4.09
CA LEU D 36 13.53 15.54 -3.56
C LEU D 36 13.56 14.09 -3.07
N MET D 37 14.29 13.23 -3.79
CA MET D 37 14.35 11.83 -3.39
C MET D 37 15.17 11.66 -2.11
N ALA D 38 16.20 12.49 -1.92
CA ALA D 38 16.94 12.45 -0.67
C ALA D 38 16.06 12.86 0.50
N GLU D 39 15.18 13.84 0.27
CA GLU D 39 14.22 14.23 1.31
C GLU D 39 13.18 13.14 1.53
N LEU D 40 12.72 12.52 0.45
CA LEU D 40 11.71 11.47 0.58
C LEU D 40 12.27 10.27 1.32
N LEU D 41 13.53 9.91 1.06
CA LEU D 41 14.15 8.80 1.79
C LEU D 41 14.33 9.15 3.26
N LYS D 42 14.74 10.39 3.57
CA LYS D 42 14.91 10.79 4.96
C LYS D 42 13.58 10.78 5.70
N VAL D 43 12.50 11.19 5.04
CA VAL D 43 11.18 11.14 5.66
C VAL D 43 10.76 9.69 5.92
N PHE D 44 11.10 8.78 5.00
CA PHE D 44 10.71 7.39 5.16
C PHE D 44 11.43 6.74 6.34
N VAL D 45 12.72 7.01 6.51
CA VAL D 45 13.44 6.46 7.66
C VAL D 45 12.90 7.06 8.95
N ARG D 46 12.74 8.39 8.98
CA ARG D 46 12.24 9.04 10.18
C ARG D 46 10.81 8.60 10.50
N GLU D 47 9.99 8.34 9.46
CA GLU D 47 8.64 7.83 9.70
C GLU D 47 8.70 6.45 10.34
N ALA D 48 9.58 5.59 9.85
CA ALA D 48 9.70 4.25 10.43
C ALA D 48 10.16 4.33 11.88
N ALA D 49 11.14 5.17 12.17
CA ALA D 49 11.64 5.27 13.54
C ALA D 49 10.60 5.88 14.47
N ALA D 50 9.87 6.89 14.00
CA ALA D 50 8.89 7.55 14.87
C ALA D 50 7.70 6.65 15.16
N ARG D 51 7.22 5.90 14.16
CA ARG D 51 6.11 4.98 14.39
C ARG D 51 6.51 3.84 15.31
N ALA D 52 7.72 3.29 15.13
CA ALA D 52 8.16 2.20 15.99
C ALA D 52 8.36 2.69 17.42
N ALA D 53 8.85 3.92 17.59
CA ALA D 53 9.02 4.47 18.93
C ALA D 53 7.69 4.70 19.61
N ARG D 54 6.69 5.13 18.84
CA ARG D 54 5.35 5.36 19.39
C ARG D 54 4.69 4.05 19.82
N GLN D 55 5.00 2.94 19.16
CA GLN D 55 4.52 1.66 19.63
C GLN D 55 5.22 1.25 20.93
N ALA D 56 6.52 1.50 21.02
CA ALA D 56 7.24 1.25 22.27
C ALA D 56 6.72 2.11 23.40
N GLN D 57 6.34 3.35 23.11
CA GLN D 57 5.77 4.22 24.13
C GLN D 57 4.40 3.71 24.58
N ALA D 58 3.62 3.17 23.64
CA ALA D 58 2.31 2.61 24.00
C ALA D 58 2.45 1.40 24.92
N GLU D 59 3.56 0.68 24.83
CA GLU D 59 3.85 -0.43 25.73
C GLU D 59 4.63 0.01 26.97
N ASP D 60 4.85 1.32 27.13
CA ASP D 60 5.59 1.88 28.26
C ASP D 60 7.03 1.35 28.28
N LEU D 61 7.65 1.34 27.10
CA LEU D 61 9.03 0.88 26.95
C LEU D 61 9.82 1.97 26.24
N GLU D 62 10.89 2.43 26.88
CA GLU D 62 11.78 3.42 26.30
C GLU D 62 12.85 2.81 25.41
N LYS D 63 12.77 1.51 25.14
CA LYS D 63 13.72 0.83 24.27
C LYS D 63 12.95 0.19 23.13
N VAL D 64 13.29 0.59 21.90
CA VAL D 64 12.60 0.13 20.70
C VAL D 64 13.27 -1.13 20.17
N ASP D 65 12.54 -2.24 20.13
CA ASP D 65 13.02 -3.51 19.62
C ASP D 65 12.40 -3.80 18.26
N ILE D 66 12.80 -4.94 17.66
CA ILE D 66 12.30 -5.30 16.35
C ILE D 66 10.83 -5.68 16.38
N GLU D 67 10.28 -5.98 17.55
CA GLU D 67 8.85 -6.25 17.66
C GLU D 67 8.03 -5.05 17.23
N HIS D 68 8.53 -3.84 17.48
CA HIS D 68 7.82 -2.63 17.07
C HIS D 68 7.92 -2.41 15.57
N VAL D 69 8.97 -2.90 14.93
CA VAL D 69 9.10 -2.80 13.48
C VAL D 69 8.04 -3.66 12.80
N GLU D 70 7.77 -4.86 13.33
CA GLU D 70 6.74 -5.72 12.75
C GLU D 70 5.37 -5.06 12.87
N LYS D 71 5.11 -4.37 13.97
CA LYS D 71 3.84 -3.69 14.16
C LYS D 71 3.64 -2.55 13.17
N VAL D 72 4.74 -1.95 12.70
CA VAL D 72 4.66 -0.75 11.88
C VAL D 72 4.92 -1.02 10.39
N LEU D 73 5.59 -2.11 10.04
CA LEU D 73 6.04 -2.30 8.66
C LEU D 73 4.90 -2.33 7.65
N PRO D 74 3.82 -3.10 7.83
CA PRO D 74 2.79 -3.17 6.76
C PRO D 74 2.19 -1.81 6.41
N GLN D 75 1.75 -1.05 7.41
CA GLN D 75 1.19 0.27 7.13
C GLN D 75 2.24 1.23 6.59
N LEU D 76 3.49 1.07 7.01
CA LEU D 76 4.54 1.96 6.53
C LEU D 76 4.72 1.83 5.02
N LEU D 77 4.81 0.60 4.53
CA LEU D 77 4.96 0.39 3.09
C LEU D 77 3.74 0.83 2.31
N LEU D 78 2.55 0.70 2.91
CA LEU D 78 1.31 1.06 2.23
C LEU D 78 1.04 2.56 2.21
N ASP D 79 1.72 3.34 3.05
CA ASP D 79 1.49 4.78 3.08
C ASP D 79 2.37 5.57 2.11
N PHE D 80 3.49 5.01 1.64
CA PHE D 80 4.38 5.79 0.80
C PHE D 80 4.26 5.46 -0.69
N VAL D 81 4.03 4.20 -1.04
CA VAL D 81 3.89 3.78 -2.43
C VAL D 81 4.94 4.42 -3.34
N ASP E 16 -38.41 -6.73 -22.91
CA ASP E 16 -39.25 -6.84 -21.73
C ASP E 16 -38.58 -7.68 -20.63
N PRO E 17 -37.53 -7.16 -19.99
CA PRO E 17 -36.83 -7.95 -18.98
C PRO E 17 -36.88 -7.31 -17.59
N LYS E 18 -37.86 -7.69 -16.77
CA LYS E 18 -38.11 -6.97 -15.52
C LYS E 18 -36.92 -7.03 -14.56
N GLU E 19 -36.09 -8.08 -14.65
CA GLU E 19 -34.95 -8.17 -13.74
C GLU E 19 -33.90 -7.12 -14.08
N MET E 20 -33.27 -7.23 -15.25
CA MET E 20 -32.27 -6.26 -15.67
C MET E 20 -32.86 -4.92 -16.04
N HIS E 21 -34.18 -4.77 -16.00
CA HIS E 21 -34.80 -3.46 -16.22
C HIS E 21 -34.45 -2.51 -15.08
N CYS E 22 -34.62 -2.97 -13.84
CA CYS E 22 -34.48 -2.11 -12.67
C CYS E 22 -33.03 -1.77 -12.32
N HIS E 23 -32.04 -2.42 -12.93
CA HIS E 23 -30.64 -2.07 -12.70
C HIS E 23 -29.92 -1.87 -14.03
N GLU E 24 -30.00 -0.66 -14.57
CA GLU E 24 -29.04 -0.15 -15.54
C GLU E 24 -28.17 0.94 -14.94
N ASN E 25 -28.32 1.21 -13.64
CA ASN E 25 -27.77 2.38 -12.98
C ASN E 25 -26.56 2.01 -12.13
N TRP E 26 -26.07 3.00 -11.38
CA TRP E 26 -24.88 2.81 -10.55
C TRP E 26 -25.20 2.16 -9.21
N SER E 27 -26.37 2.43 -8.65
CA SER E 27 -26.72 1.90 -7.34
C SER E 27 -27.41 0.55 -7.48
N LEU E 28 -27.80 -0.02 -6.34
CA LEU E 28 -28.48 -1.30 -6.34
C LEU E 28 -29.92 -1.16 -6.82
N SER E 29 -30.41 -2.18 -7.50
CA SER E 29 -31.82 -2.26 -7.84
C SER E 29 -32.63 -2.59 -6.61
N PRO E 30 -33.93 -2.29 -6.61
CA PRO E 30 -34.76 -2.69 -5.46
C PRO E 30 -34.76 -4.19 -5.21
N GLU E 31 -34.59 -5.01 -6.24
CA GLU E 31 -34.48 -6.45 -6.03
C GLU E 31 -33.13 -6.82 -5.41
N GLU E 32 -32.07 -6.11 -5.78
CA GLU E 32 -30.75 -6.38 -5.22
C GLU E 32 -30.60 -5.83 -3.81
N PHE E 33 -31.25 -4.69 -3.51
CA PHE E 33 -31.21 -4.15 -2.16
C PHE E 33 -31.87 -5.11 -1.17
N GLU E 34 -32.89 -5.85 -1.60
CA GLU E 34 -33.52 -6.83 -0.72
C GLU E 34 -32.56 -7.96 -0.40
N ILE E 35 -31.78 -8.41 -1.38
CA ILE E 35 -30.82 -9.48 -1.14
C ILE E 35 -29.70 -9.01 -0.22
N TRP E 36 -29.20 -7.79 -0.44
CA TRP E 36 -28.14 -7.26 0.41
C TRP E 36 -28.62 -7.02 1.83
N ASP E 37 -29.90 -6.67 2.00
CA ASP E 37 -30.42 -6.38 3.33
C ASP E 37 -30.52 -7.63 4.19
N ARG E 38 -30.99 -8.74 3.62
CA ARG E 38 -31.25 -9.91 4.45
C ARG E 38 -30.01 -10.78 4.64
N LEU E 39 -29.17 -10.88 3.61
CA LEU E 39 -28.09 -11.87 3.57
C LEU E 39 -26.73 -11.31 3.96
N TYR E 40 -26.42 -10.07 3.59
CA TYR E 40 -25.07 -9.55 3.79
C TYR E 40 -25.01 -8.35 4.74
N ARG E 41 -26.07 -7.58 4.87
CA ARG E 41 -26.04 -6.38 5.69
C ARG E 41 -25.88 -6.72 7.16
N LEU E 42 -24.86 -6.16 7.80
CA LEU E 42 -24.67 -6.30 9.24
C LEU E 42 -25.64 -5.36 9.95
N LYS E 43 -26.51 -5.92 10.78
CA LYS E 43 -27.58 -5.17 11.42
C LYS E 43 -27.38 -5.16 12.94
N GLU E 44 -28.32 -4.50 13.62
CA GLU E 44 -28.32 -4.50 15.09
C GLU E 44 -28.42 -5.91 15.65
N ASN E 45 -29.08 -6.81 14.91
CA ASN E 45 -29.17 -8.21 15.34
C ASN E 45 -27.79 -8.87 15.33
N ASP E 46 -26.99 -8.59 14.30
CA ASP E 46 -25.66 -9.18 14.19
C ASP E 46 -24.78 -8.80 15.38
N GLY E 47 -24.47 -9.78 16.22
CA GLY E 47 -23.60 -9.55 17.36
C GLY E 47 -22.14 -9.51 16.98
N VAL E 48 -21.85 -8.98 15.78
CA VAL E 48 -20.49 -8.86 15.28
C VAL E 48 -20.22 -7.40 14.95
N LYS E 49 -18.98 -6.99 15.13
CA LYS E 49 -18.57 -5.62 14.91
C LYS E 49 -18.30 -5.37 13.43
N GLU E 50 -18.59 -4.15 12.99
CA GLU E 50 -18.39 -3.79 11.60
C GLU E 50 -16.89 -3.79 11.27
N PRO E 51 -16.49 -4.32 10.11
CA PRO E 51 -15.07 -4.29 9.74
C PRO E 51 -14.69 -2.94 9.14
N ILE E 52 -13.61 -2.37 9.65
CA ILE E 52 -13.11 -1.07 9.20
C ILE E 52 -11.60 -1.16 9.02
N LEU E 53 -11.10 -0.62 7.91
CA LEU E 53 -9.66 -0.53 7.68
C LEU E 53 -9.11 0.71 8.38
N PRO E 54 -7.94 0.61 9.01
CA PRO E 54 -7.36 1.78 9.67
C PRO E 54 -6.94 2.85 8.66
N HIS E 55 -6.95 4.10 9.12
CA HIS E 55 -6.59 5.22 8.27
C HIS E 55 -5.09 5.48 8.29
N THR E 56 -4.63 6.24 7.31
CA THR E 56 -3.23 6.62 7.22
C THR E 56 -2.95 7.82 8.12
N ARG E 57 -1.86 7.75 8.89
CA ARG E 57 -1.52 8.80 9.84
C ARG E 57 -0.01 8.88 9.94
N PHE E 58 0.54 10.06 9.64
CA PHE E 58 1.97 10.29 9.68
C PHE E 58 2.37 10.92 11.01
N GLU E 59 3.48 10.46 11.56
CA GLU E 59 4.01 11.01 12.81
C GLU E 59 4.89 12.23 12.58
N THR E 60 5.45 12.39 11.39
CA THR E 60 6.40 13.45 11.10
C THR E 60 5.91 14.47 10.08
N LEU E 61 4.67 14.35 9.61
CA LEU E 61 4.11 15.29 8.65
C LEU E 61 2.83 15.90 9.21
N GLU E 62 2.44 17.02 8.63
CA GLU E 62 1.12 17.58 8.94
C GLU E 62 0.05 16.66 8.39
N ASN E 63 -0.87 16.24 9.26
CA ASN E 63 -1.91 15.28 8.90
C ASN E 63 -3.15 16.04 8.44
N LEU E 64 -3.41 16.02 7.13
CA LEU E 64 -4.70 16.45 6.62
C LEU E 64 -5.74 15.49 7.16
N ASP E 65 -6.36 15.84 8.28
CA ASP E 65 -7.02 14.87 9.14
C ASP E 65 -8.21 14.20 8.45
N LYS E 66 -8.17 12.87 8.42
CA LYS E 66 -9.31 12.03 8.02
C LYS E 66 -10.07 11.55 9.25
N THR E 67 -10.32 12.45 10.20
CA THR E 67 -10.96 12.12 11.47
C THR E 67 -12.44 12.48 11.46
N SER E 68 -13.15 12.16 10.37
CA SER E 68 -14.57 12.45 10.27
C SER E 68 -15.44 11.44 10.98
N LYS E 69 -14.88 10.30 11.40
CA LYS E 69 -15.63 9.22 12.04
C LYS E 69 -15.10 9.00 13.45
N PRO E 70 -15.66 9.69 14.45
CA PRO E 70 -15.33 9.40 15.85
C PRO E 70 -15.96 8.12 16.36
N GLU E 71 -16.81 7.47 15.57
CA GLU E 71 -17.44 6.21 15.95
C GLU E 71 -16.59 5.00 15.62
N GLU E 72 -15.33 5.20 15.23
CA GLU E 72 -14.53 4.12 14.66
C GLU E 72 -13.93 3.19 15.72
N GLU E 73 -14.64 2.98 16.82
CA GLU E 73 -14.25 1.95 17.77
C GLU E 73 -15.44 1.10 18.25
N ALA E 74 -16.65 1.40 17.80
CA ALA E 74 -17.75 0.44 17.87
C ALA E 74 -17.63 -0.62 16.79
N ALA E 75 -16.42 -0.85 16.28
CA ALA E 75 -16.19 -1.69 15.12
C ALA E 75 -14.89 -2.45 15.32
N HIS E 76 -14.60 -3.35 14.38
CA HIS E 76 -13.38 -4.16 14.42
C HIS E 76 -12.37 -3.56 13.45
N LYS E 77 -11.27 -3.04 14.00
CA LYS E 77 -10.20 -2.51 13.17
C LYS E 77 -9.37 -3.65 12.62
N LEU E 78 -9.34 -3.78 11.29
CA LEU E 78 -8.56 -4.85 10.67
C LEU E 78 -7.08 -4.61 10.90
N SER E 79 -6.44 -5.51 11.65
CA SER E 79 -5.05 -5.37 12.00
C SER E 79 -4.17 -5.93 10.88
N LEU E 80 -3.19 -5.14 10.47
CA LEU E 80 -2.21 -5.57 9.48
C LEU E 80 -0.97 -6.19 10.11
N SER E 81 -0.92 -6.29 11.43
CA SER E 81 0.27 -6.75 12.13
C SER E 81 -0.01 -7.82 13.18
N GLU E 82 -1.27 -8.24 13.35
CA GLU E 82 -1.58 -9.26 14.34
C GLU E 82 -1.01 -10.63 13.98
N TRP E 83 -0.76 -10.88 12.70
CA TRP E 83 -0.24 -12.17 12.27
C TRP E 83 1.14 -12.02 11.65
N SER E 84 2.03 -11.32 12.36
CA SER E 84 3.37 -11.06 11.83
C SER E 84 4.17 -12.34 11.67
N ILE E 85 3.94 -13.33 12.52
CA ILE E 85 4.73 -14.56 12.47
C ILE E 85 4.42 -15.36 11.21
N TRP E 86 3.20 -15.25 10.69
CA TRP E 86 2.83 -15.92 9.44
C TRP E 86 3.40 -15.23 8.21
N GLN E 87 3.93 -14.02 8.36
CA GLN E 87 4.30 -13.19 7.22
C GLN E 87 5.74 -13.38 6.77
N SER E 88 6.43 -14.41 7.27
CA SER E 88 7.79 -14.69 6.85
C SER E 88 7.86 -15.52 5.57
N ARG E 89 6.75 -16.08 5.12
CA ARG E 89 6.69 -16.88 3.91
C ARG E 89 5.49 -16.46 3.08
N PRO E 90 5.56 -16.64 1.76
CA PRO E 90 4.46 -16.20 0.89
C PRO E 90 3.15 -16.90 1.23
N PHE E 91 2.05 -16.15 1.11
CA PHE E 91 0.71 -16.59 1.51
C PHE E 91 -0.09 -17.08 0.31
N PRO E 92 0.27 -18.24 -0.27
CA PRO E 92 -0.22 -18.64 -1.61
C PRO E 92 -0.72 -17.55 -2.54
N THR E 93 -1.61 -17.92 -3.45
CA THR E 93 -2.06 -17.05 -4.54
C THR E 93 -3.10 -17.76 -5.40
N SER E 94 -4.18 -17.04 -5.75
CA SER E 94 -5.20 -17.58 -6.64
C SER E 94 -4.89 -17.25 -8.09
N MET E 95 -5.00 -15.97 -8.45
CA MET E 95 -4.77 -15.52 -9.83
C MET E 95 -3.81 -14.35 -9.95
N VAL E 96 -3.53 -13.64 -8.86
CA VAL E 96 -2.62 -12.49 -8.88
C VAL E 96 -1.38 -12.88 -8.09
N ASP E 97 -0.25 -13.01 -8.79
CA ASP E 97 0.98 -13.40 -8.14
C ASP E 97 1.48 -12.30 -7.21
N HIS E 98 2.46 -12.67 -6.38
CA HIS E 98 3.06 -11.70 -5.47
C HIS E 98 3.94 -10.72 -6.25
N SER E 99 4.09 -9.52 -5.70
CA SER E 99 4.87 -8.47 -6.32
C SER E 99 6.24 -8.36 -5.66
N ASP E 100 7.14 -7.65 -6.33
CA ASP E 100 8.43 -7.35 -5.72
C ASP E 100 8.28 -6.52 -4.46
N ARG E 101 7.27 -5.64 -4.41
CA ARG E 101 6.97 -4.92 -3.19
C ARG E 101 6.58 -5.88 -2.07
N CYS E 102 5.84 -6.94 -2.41
CA CYS E 102 5.44 -7.91 -1.41
C CYS E 102 6.61 -8.80 -1.01
N TYR E 103 7.43 -9.21 -1.98
CA TYR E 103 8.59 -10.05 -1.67
C TYR E 103 9.60 -9.30 -0.80
N HIS E 104 9.76 -7.99 -1.03
CA HIS E 104 10.63 -7.21 -0.17
C HIS E 104 10.10 -7.15 1.25
N PHE E 105 8.78 -7.11 1.41
CA PHE E 105 8.19 -7.11 2.74
C PHE E 105 8.39 -8.46 3.42
N ILE E 106 8.24 -9.56 2.67
CA ILE E 106 8.46 -10.88 3.23
C ILE E 106 9.91 -11.07 3.62
N SER E 107 10.84 -10.51 2.85
CA SER E 107 12.26 -10.67 3.15
C SER E 107 12.64 -10.01 4.47
N VAL E 108 12.12 -8.80 4.72
CA VAL E 108 12.42 -8.11 5.96
C VAL E 108 11.82 -8.86 7.15
N MET E 109 10.61 -9.40 6.98
CA MET E 109 10.02 -10.21 8.05
C MET E 109 10.85 -11.44 8.32
N GLU E 110 11.31 -12.13 7.26
CA GLU E 110 12.21 -13.26 7.44
C GLU E 110 13.50 -12.82 8.10
N LEU E 111 14.01 -11.64 7.74
CA LEU E 111 15.19 -11.10 8.40
C LEU E 111 14.92 -10.85 9.88
N ILE E 112 13.77 -10.27 10.21
CA ILE E 112 13.47 -9.92 11.60
C ILE E 112 13.36 -11.16 12.46
N GLU E 113 12.75 -12.22 11.94
CA GLU E 113 12.63 -13.45 12.72
C GLU E 113 13.98 -14.14 12.89
N VAL E 114 14.87 -14.01 11.91
CA VAL E 114 16.24 -14.50 12.08
C VAL E 114 16.96 -13.70 13.15
N MET E 115 16.69 -12.40 13.23
CA MET E 115 17.31 -11.55 14.25
C MET E 115 16.67 -11.70 15.62
N ARG E 116 15.41 -12.14 15.68
CA ARG E 116 14.77 -12.36 16.97
C ARG E 116 15.51 -13.43 17.79
N GLN E 117 16.19 -14.35 17.11
CA GLN E 117 17.00 -15.38 17.74
C GLN E 117 18.43 -14.93 18.00
N GLU E 118 18.64 -13.62 18.19
CA GLU E 118 19.93 -13.01 18.55
C GLU E 118 20.93 -13.00 17.40
N GLN E 119 20.80 -13.94 16.46
CA GLN E 119 21.82 -14.18 15.43
C GLN E 119 22.03 -13.03 14.45
N GLY E 120 21.05 -12.79 13.58
CA GLY E 120 21.24 -11.90 12.45
C GLY E 120 21.31 -10.42 12.76
N ASP E 121 21.18 -10.03 14.03
CA ASP E 121 21.10 -8.61 14.36
C ASP E 121 22.49 -7.97 14.39
N CYS E 122 23.41 -8.53 15.17
CA CYS E 122 24.74 -7.94 15.25
C CYS E 122 25.52 -8.16 13.96
N SER E 123 25.30 -9.27 13.27
CA SER E 123 26.08 -9.58 12.07
C SER E 123 25.76 -8.65 10.93
N TYR E 124 24.53 -8.13 10.86
CA TYR E 124 24.16 -7.19 9.81
C TYR E 124 25.07 -5.97 9.83
N GLU E 125 25.23 -5.37 11.02
CA GLU E 125 26.16 -4.25 11.16
C GLU E 125 27.59 -4.66 10.89
N LEU E 126 27.95 -5.90 11.21
CA LEU E 126 29.34 -6.34 11.08
C LEU E 126 29.74 -6.49 9.61
N GLU E 127 28.90 -7.12 8.81
CA GLU E 127 29.27 -7.39 7.43
C GLU E 127 29.33 -6.13 6.57
N LEU E 128 28.65 -5.07 6.98
CA LEU E 128 28.61 -3.85 6.18
C LEU E 128 29.70 -2.86 6.53
N GLN E 129 30.16 -2.86 7.77
CA GLN E 129 31.15 -1.85 8.20
C GLN E 129 32.44 -1.84 7.38
N PRO E 130 32.97 -2.97 6.89
CA PRO E 130 34.12 -2.88 5.98
C PRO E 130 33.82 -2.19 4.66
N HIS E 131 32.55 -2.02 4.31
CA HIS E 131 32.16 -1.41 3.03
C HIS E 131 31.76 0.05 3.17
N LEU E 132 31.83 0.61 4.37
CA LEU E 132 31.37 1.99 4.59
C LEU E 132 32.41 2.96 4.07
N ARG E 133 32.14 3.57 2.92
CA ARG E 133 32.96 4.64 2.38
C ARG E 133 32.45 5.95 2.96
N ILE E 134 33.32 6.66 3.69
CA ILE E 134 32.90 7.86 4.39
C ILE E 134 32.43 8.94 3.42
N GLU E 135 33.00 8.97 2.21
CA GLU E 135 32.59 9.94 1.20
C GLU E 135 31.12 9.81 0.83
N ASP E 136 30.48 8.70 1.19
CA ASP E 136 29.08 8.47 0.85
C ASP E 136 28.11 9.01 1.88
N ILE E 137 28.53 9.13 3.14
CA ILE E 137 27.63 9.43 4.24
C ILE E 137 27.82 10.88 4.67
N HIS E 138 26.81 11.40 5.38
CA HIS E 138 26.91 12.67 6.10
C HIS E 138 27.36 12.35 7.52
N VAL E 139 28.62 12.69 7.84
CA VAL E 139 29.18 12.32 9.13
C VAL E 139 28.44 13.04 10.24
N ARG E 140 28.08 12.28 11.28
CA ARG E 140 27.43 12.82 12.46
C ARG E 140 28.11 12.30 13.71
N ARG E 141 27.79 12.92 14.84
CA ARG E 141 28.40 12.56 16.11
C ARG E 141 27.67 11.39 16.74
N ASN E 142 28.42 10.36 17.12
CA ASN E 142 27.83 9.19 17.77
C ASN E 142 27.26 9.57 19.14
N LYS E 143 25.97 9.93 19.17
CA LYS E 143 25.34 10.39 20.40
C LYS E 143 25.22 9.28 21.45
N GLY E 144 25.32 8.02 21.05
CA GLY E 144 25.34 6.93 22.01
C GLY E 144 23.98 6.49 22.51
N HIS E 145 22.92 6.72 21.75
CA HIS E 145 21.58 6.29 22.11
C HIS E 145 21.18 4.99 21.40
N LEU E 146 22.17 4.23 20.93
CA LEU E 146 21.97 2.87 20.46
C LEU E 146 22.47 1.90 21.52
N SER E 147 21.63 0.93 21.88
CA SER E 147 22.02 -0.03 22.90
C SER E 147 22.72 -1.23 22.28
#